data_8SG7
#
_entry.id   8SG7
#
_cell.length_a   79.065
_cell.length_b   90.556
_cell.length_c   99.816
_cell.angle_alpha   90.000
_cell.angle_beta   90.000
_cell.angle_gamma   90.000
#
_symmetry.space_group_name_H-M   'P 21 21 21'
#
loop_
_entity.id
_entity.type
_entity.pdbx_description
1 polymer 'Importin subunit alpha-1'
2 polymer 'VP1 capsid'
3 water water
#
loop_
_entity_poly.entity_id
_entity_poly.type
_entity_poly.pdbx_seq_one_letter_code
_entity_poly.pdbx_strand_id
1 'polypeptide(L)'
;MHHHHHHSSGLVPRGSGMLETAAALFERNHMDSPDLGTDDDDLAMADIGSNQGTVNWSVEDIVKGINSNNLESQLQATQA
ARKLLSREKQPPIDNIIRAGLIPKFVSFLGKTDCSPIQFESAWALTNIASGTSEQTKAVVDGGAIPAFISLLASPHAHIS
EQAVWALGNIAGDGSAFRDLVIKHGAIDPLLALLAVPDLSTLACGYLRNLTWTLSNLCRNKNPAPPLDAVEQILPTLVRL
LHHNDPEVLADSCWAISYLTDGPNERIEMVVKKGVVPQLVKLLGATELPIVTPALRAIGNIVTGTDEQTQKVIDAGALAV
FPSLLTNPKTNIQKEATWTMSNITAGRQDQIQQVVNHGLVPFLVGVLSKADFKTQKEAAWAITNYTSGGTVEQIVYLVHC
GIIEPLMNLLSAKDTKIIQVILDAISNIFQAAEKLGETEKLSIMIEECGGLDKIEALQRHENESVYKASLNLIEKYFSVE
EEEDQNVVPETTSEGFAFQVQDGAPGTFNF
;
B
2 'polypeptide(L)' ANALFQAKKRVLEPFGLVEGEPEPKKTPSVKRPHASPDSSSGVGKKGDQPARKRLDFG C
#
# COMPACT_ATOMS: atom_id res chain seq x y z
N GLY A 53 -31.81 -11.59 27.49
CA GLY A 53 -31.91 -10.45 28.39
C GLY A 53 -32.03 -9.14 27.63
N THR A 54 -30.93 -8.68 27.05
CA THR A 54 -30.93 -7.58 26.10
C THR A 54 -30.82 -8.08 24.66
N VAL A 55 -31.13 -9.34 24.43
CA VAL A 55 -30.93 -10.00 23.14
C VAL A 55 -32.16 -9.78 22.27
N ASN A 56 -31.96 -9.20 21.09
CA ASN A 56 -32.96 -9.24 20.01
C ASN A 56 -34.13 -8.28 20.26
N TRP A 57 -33.84 -7.07 20.71
CA TRP A 57 -34.91 -6.10 20.86
C TRP A 57 -35.32 -5.53 19.51
N SER A 58 -36.46 -4.85 19.51
CA SER A 58 -36.87 -4.03 18.38
C SER A 58 -36.33 -2.61 18.55
N VAL A 59 -36.13 -1.93 17.42
CA VAL A 59 -35.75 -0.52 17.45
C VAL A 59 -36.75 0.28 18.27
N GLU A 60 -38.03 -0.13 18.24
CA GLU A 60 -39.10 0.53 18.99
C GLU A 60 -38.82 0.47 20.50
N ASP A 61 -38.52 -0.73 21.00
CA ASP A 61 -38.21 -0.89 22.42
C ASP A 61 -36.96 -0.11 22.79
N ILE A 62 -35.93 -0.16 21.93
CA ILE A 62 -34.68 0.54 22.21
C ILE A 62 -34.94 2.03 22.33
N VAL A 63 -35.86 2.53 21.51
CA VAL A 63 -36.18 3.95 21.56
C VAL A 63 -36.94 4.28 22.84
N LYS A 64 -37.81 3.38 23.29
CA LYS A 64 -38.60 3.80 24.44
C LYS A 64 -37.65 3.85 25.62
N GLY A 65 -36.74 2.86 25.66
CA GLY A 65 -35.77 2.78 26.72
C GLY A 65 -34.83 3.97 26.74
N ILE A 66 -34.33 4.38 25.57
CA ILE A 66 -33.45 5.53 25.53
C ILE A 66 -34.19 6.80 25.93
N ASN A 67 -35.48 6.89 25.63
CA ASN A 67 -36.27 8.10 25.87
C ASN A 67 -36.87 8.14 27.27
N SER A 68 -36.77 7.07 28.04
CA SER A 68 -37.06 7.15 29.46
C SER A 68 -36.03 8.05 30.12
N ASN A 69 -36.38 8.59 31.28
CA ASN A 69 -35.44 9.42 32.04
C ASN A 69 -34.81 8.61 33.16
N ASN A 70 -34.51 7.34 32.87
CA ASN A 70 -33.99 6.38 33.83
C ASN A 70 -32.65 5.92 33.29
N LEU A 71 -31.57 6.31 33.97
CA LEU A 71 -30.24 5.99 33.48
C LEU A 71 -30.06 4.49 33.27
N GLU A 72 -30.65 3.68 34.13
CA GLU A 72 -30.44 2.24 34.01
C GLU A 72 -31.31 1.62 32.91
N SER A 73 -32.51 2.16 32.69
CA SER A 73 -33.26 1.78 31.49
C SER A 73 -32.50 2.19 30.23
N GLN A 74 -31.95 3.40 30.25
CA GLN A 74 -31.15 3.84 29.12
C GLN A 74 -29.97 2.91 28.89
N LEU A 75 -29.31 2.46 29.96
CA LEU A 75 -28.16 1.58 29.78
C LEU A 75 -28.60 0.25 29.18
N GLN A 76 -29.71 -0.32 29.67
CA GLN A 76 -30.24 -1.55 29.11
C GLN A 76 -30.53 -1.41 27.61
N ALA A 77 -31.20 -0.32 27.22
CA ALA A 77 -31.54 -0.11 25.81
C ALA A 77 -30.29 0.11 24.97
N THR A 78 -29.30 0.84 25.48
CA THR A 78 -28.07 1.04 24.74
C THR A 78 -27.35 -0.29 24.52
N GLN A 79 -27.37 -1.17 25.52
CA GLN A 79 -26.74 -2.48 25.31
C GLN A 79 -27.53 -3.29 24.30
N ALA A 80 -28.86 -3.21 24.34
CA ALA A 80 -29.67 -3.87 23.32
C ALA A 80 -29.28 -3.38 21.92
N ALA A 81 -29.13 -2.07 21.76
CA ALA A 81 -28.70 -1.52 20.47
C ALA A 81 -27.35 -2.07 20.06
N ARG A 82 -26.39 -2.01 20.97
CA ARG A 82 -25.06 -2.53 20.68
C ARG A 82 -25.14 -3.97 20.20
N LYS A 83 -26.01 -4.77 20.82
CA LYS A 83 -26.10 -6.18 20.44
C LYS A 83 -26.76 -6.36 19.08
N LEU A 84 -27.72 -5.49 18.74
CA LEU A 84 -28.23 -5.51 17.37
C LEU A 84 -27.13 -5.15 16.37
N LEU A 85 -26.27 -4.18 16.70
CA LEU A 85 -25.26 -3.72 15.74
C LEU A 85 -24.00 -4.59 15.73
N SER A 86 -23.91 -5.59 16.60
CA SER A 86 -22.78 -6.50 16.68
C SER A 86 -23.08 -7.89 16.12
N ARG A 87 -24.26 -8.10 15.55
CA ARG A 87 -24.60 -9.34 14.87
C ARG A 87 -23.97 -9.34 13.48
N GLU A 88 -23.88 -10.54 12.89
CA GLU A 88 -23.09 -10.68 11.67
C GLU A 88 -23.86 -10.24 10.42
N LYS A 89 -24.96 -10.90 10.13
CA LYS A 89 -25.80 -10.64 8.96
C LYS A 89 -26.40 -9.24 8.99
N GLN A 90 -25.75 -8.31 8.26
CA GLN A 90 -26.30 -7.00 7.90
C GLN A 90 -26.97 -6.32 9.09
N PRO A 91 -26.18 -5.73 9.98
CA PRO A 91 -26.78 -5.01 11.11
C PRO A 91 -27.64 -3.86 10.62
N PRO A 92 -28.72 -3.55 11.33
CA PRO A 92 -29.68 -2.53 10.85
C PRO A 92 -29.20 -1.09 11.11
N ILE A 93 -28.01 -0.77 10.60
CA ILE A 93 -27.42 0.54 10.87
C ILE A 93 -28.39 1.65 10.49
N ASP A 94 -29.01 1.55 9.31
CA ASP A 94 -29.85 2.63 8.82
C ASP A 94 -31.11 2.78 9.67
N ASN A 95 -31.69 1.66 10.10
CA ASN A 95 -32.82 1.74 11.03
C ASN A 95 -32.44 2.48 12.29
N ILE A 96 -31.25 2.19 12.83
CA ILE A 96 -30.81 2.85 14.06
C ILE A 96 -30.58 4.33 13.83
N ILE A 97 -29.97 4.70 12.70
CA ILE A 97 -29.77 6.11 12.40
C ILE A 97 -31.11 6.83 12.28
N ARG A 98 -32.07 6.24 11.54
CA ARG A 98 -33.35 6.89 11.28
C ARG A 98 -34.14 7.14 12.56
N ALA A 99 -33.98 6.29 13.56
CA ALA A 99 -34.69 6.49 14.82
C ALA A 99 -34.13 7.64 15.66
N GLY A 100 -33.08 8.32 15.21
CA GLY A 100 -32.57 9.48 15.94
C GLY A 100 -31.66 9.17 17.10
N LEU A 101 -31.05 7.98 17.12
CA LEU A 101 -30.33 7.54 18.31
C LEU A 101 -28.92 8.08 18.40
N ILE A 102 -28.29 8.47 17.28
CA ILE A 102 -26.89 8.91 17.32
C ILE A 102 -26.66 10.01 18.35
N PRO A 103 -27.45 11.09 18.37
CA PRO A 103 -27.21 12.14 19.38
C PRO A 103 -27.26 11.64 20.81
N LYS A 104 -28.16 10.70 21.10
CA LYS A 104 -28.25 10.16 22.45
C LYS A 104 -27.00 9.37 22.81
N PHE A 105 -26.61 8.43 21.95
CA PHE A 105 -25.37 7.70 22.15
C PHE A 105 -24.21 8.66 22.39
N VAL A 106 -24.13 9.73 21.61
CA VAL A 106 -23.03 10.67 21.76
C VAL A 106 -23.07 11.33 23.13
N SER A 107 -24.27 11.70 23.60
CA SER A 107 -24.36 12.27 24.95
C SER A 107 -23.97 11.25 26.01
N PHE A 108 -24.30 9.98 25.81
CA PHE A 108 -23.90 8.96 26.77
C PHE A 108 -22.40 8.81 26.83
N LEU A 109 -21.68 9.16 25.76
CA LEU A 109 -20.22 9.05 25.80
C LEU A 109 -19.60 9.91 26.90
N GLY A 110 -20.29 10.94 27.36
CA GLY A 110 -19.75 11.83 28.37
C GLY A 110 -20.20 11.57 29.80
N LYS A 111 -20.87 10.45 30.06
CA LYS A 111 -21.38 10.16 31.40
C LYS A 111 -20.31 9.44 32.23
N THR A 112 -19.39 10.24 32.76
CA THR A 112 -18.30 9.69 33.54
C THR A 112 -18.79 8.82 34.70
N ASP A 113 -19.93 9.15 35.30
CA ASP A 113 -20.39 8.37 36.45
C ASP A 113 -20.87 6.98 36.06
N CYS A 114 -21.22 6.75 34.80
CA CYS A 114 -21.74 5.46 34.35
C CYS A 114 -20.84 4.95 33.23
N SER A 115 -19.69 4.42 33.61
CA SER A 115 -18.77 3.88 32.61
C SER A 115 -19.39 2.80 31.73
N PRO A 116 -20.32 1.97 32.21
CA PRO A 116 -20.90 0.96 31.30
C PRO A 116 -21.67 1.56 30.14
N ILE A 117 -22.42 2.64 30.35
CA ILE A 117 -23.19 3.20 29.23
C ILE A 117 -22.25 3.93 28.27
N GLN A 118 -21.14 4.45 28.80
CA GLN A 118 -20.08 4.97 27.93
C GLN A 118 -19.54 3.89 27.01
N PHE A 119 -19.29 2.70 27.57
CA PHE A 119 -18.77 1.60 26.77
C PHE A 119 -19.77 1.15 25.73
N GLU A 120 -21.02 0.96 26.13
CA GLU A 120 -22.02 0.42 25.20
C GLU A 120 -22.29 1.41 24.08
N SER A 121 -22.34 2.70 24.39
CA SER A 121 -22.58 3.69 23.35
C SER A 121 -21.35 3.82 22.45
N ALA A 122 -20.15 3.70 23.02
CA ALA A 122 -18.94 3.77 22.20
C ALA A 122 -18.90 2.63 21.20
N TRP A 123 -19.28 1.43 21.65
CA TRP A 123 -19.29 0.27 20.77
C TRP A 123 -20.37 0.40 19.69
N ALA A 124 -21.57 0.84 20.07
CA ALA A 124 -22.64 1.04 19.08
C ALA A 124 -22.21 2.04 18.02
N LEU A 125 -21.61 3.15 18.43
CA LEU A 125 -21.22 4.17 17.47
C LEU A 125 -20.05 3.70 16.63
N THR A 126 -19.13 2.92 17.20
CA THR A 126 -18.08 2.30 16.41
C THR A 126 -18.67 1.51 15.26
N ASN A 127 -19.72 0.74 15.54
CA ASN A 127 -20.26 -0.13 14.50
C ASN A 127 -21.09 0.65 13.48
N ILE A 128 -21.70 1.76 13.89
CA ILE A 128 -22.33 2.62 12.89
C ILE A 128 -21.29 3.27 12.00
N ALA A 129 -20.18 3.74 12.59
CA ALA A 129 -19.14 4.43 11.85
C ALA A 129 -18.33 3.51 10.95
N SER A 130 -18.46 2.20 11.10
CA SER A 130 -17.79 1.26 10.23
C SER A 130 -18.51 1.04 8.91
N GLY A 131 -19.64 1.71 8.68
CA GLY A 131 -20.42 1.48 7.47
C GLY A 131 -20.07 2.37 6.30
N THR A 132 -21.09 2.81 5.57
CA THR A 132 -20.89 3.68 4.42
C THR A 132 -20.43 5.05 4.86
N SER A 133 -19.92 5.83 3.89
CA SER A 133 -19.53 7.20 4.16
C SER A 133 -20.70 8.01 4.72
N GLU A 134 -21.94 7.71 4.29
CA GLU A 134 -23.08 8.43 4.84
C GLU A 134 -23.32 8.07 6.31
N GLN A 135 -23.05 6.83 6.70
CA GLN A 135 -23.25 6.41 8.09
C GLN A 135 -22.13 6.94 8.99
N THR A 136 -20.88 6.82 8.54
CA THR A 136 -19.79 7.47 9.24
C THR A 136 -20.07 8.96 9.40
N LYS A 137 -20.60 9.58 8.34
CA LYS A 137 -20.91 11.00 8.42
C LYS A 137 -21.97 11.27 9.46
N ALA A 138 -22.96 10.39 9.57
CA ALA A 138 -23.98 10.57 10.61
C ALA A 138 -23.34 10.54 12.00
N VAL A 139 -22.34 9.68 12.21
CA VAL A 139 -21.67 9.68 13.50
C VAL A 139 -20.91 10.97 13.73
N VAL A 140 -20.20 11.45 12.70
CA VAL A 140 -19.40 12.68 12.87
C VAL A 140 -20.31 13.87 13.11
N ASP A 141 -21.44 13.92 12.43
CA ASP A 141 -22.38 15.04 12.58
C ASP A 141 -23.02 15.07 13.96
N GLY A 142 -23.02 13.95 14.68
CA GLY A 142 -23.52 13.93 16.05
C GLY A 142 -22.58 14.50 17.09
N GLY A 143 -21.41 14.96 16.69
CA GLY A 143 -20.43 15.47 17.63
C GLY A 143 -19.50 14.43 18.21
N ALA A 144 -19.40 13.26 17.58
CA ALA A 144 -18.72 12.12 18.19
C ALA A 144 -17.20 12.31 18.31
N ILE A 145 -16.59 13.08 17.42
CA ILE A 145 -15.12 13.09 17.37
C ILE A 145 -14.54 13.61 18.70
N PRO A 146 -14.88 14.84 19.11
CA PRO A 146 -14.31 15.33 20.38
C PRO A 146 -14.65 14.44 21.58
N ALA A 147 -15.82 13.79 21.56
CA ALA A 147 -16.21 12.95 22.69
C ALA A 147 -15.37 11.68 22.76
N PHE A 148 -15.02 11.12 21.59
CA PHE A 148 -14.12 9.96 21.57
C PHE A 148 -12.71 10.36 21.98
N ILE A 149 -12.27 11.56 21.59
CA ILE A 149 -10.94 11.99 21.99
C ILE A 149 -10.89 12.15 23.50
N SER A 150 -11.92 12.74 24.09
CA SER A 150 -11.98 12.79 25.56
C SER A 150 -11.92 11.40 26.16
N LEU A 151 -12.62 10.44 25.55
CA LEU A 151 -12.60 9.08 26.09
C LEU A 151 -11.24 8.40 25.97
N LEU A 152 -10.36 8.87 25.08
CA LEU A 152 -9.06 8.22 24.97
C LEU A 152 -8.29 8.20 26.29
N ALA A 153 -8.59 9.10 27.22
CA ALA A 153 -7.95 9.14 28.51
C ALA A 153 -8.76 8.44 29.61
N SER A 154 -9.77 7.67 29.24
CA SER A 154 -10.51 6.94 30.25
C SER A 154 -9.56 6.05 31.06
N PRO A 155 -9.80 5.89 32.36
CA PRO A 155 -9.04 4.91 33.13
C PRO A 155 -9.43 3.46 32.88
N HIS A 156 -10.49 3.22 32.12
CA HIS A 156 -10.94 1.87 31.80
C HIS A 156 -10.39 1.50 30.42
N ALA A 157 -9.55 0.45 30.39
CA ALA A 157 -8.85 0.12 29.16
C ALA A 157 -9.80 -0.25 28.02
N HIS A 158 -10.94 -0.89 28.33
CA HIS A 158 -11.84 -1.30 27.25
C HIS A 158 -12.59 -0.11 26.66
N ILE A 159 -12.83 0.93 27.45
CA ILE A 159 -13.45 2.13 26.91
C ILE A 159 -12.46 2.88 26.03
N SER A 160 -11.21 2.98 26.48
CA SER A 160 -10.16 3.62 25.71
C SER A 160 -9.97 2.90 24.37
N GLU A 161 -9.86 1.57 24.41
CA GLU A 161 -9.71 0.80 23.18
C GLU A 161 -10.88 1.03 22.22
N GLN A 162 -12.11 1.06 22.75
CA GLN A 162 -13.27 1.29 21.89
C GLN A 162 -13.22 2.67 21.24
N ALA A 163 -12.74 3.67 21.99
CA ALA A 163 -12.57 5.00 21.42
C ALA A 163 -11.51 5.00 20.32
N VAL A 164 -10.41 4.30 20.54
CA VAL A 164 -9.37 4.17 19.52
C VAL A 164 -9.95 3.61 18.23
N TRP A 165 -10.69 2.52 18.38
CA TRP A 165 -11.25 1.83 17.21
C TRP A 165 -12.24 2.72 16.47
N ALA A 166 -13.10 3.42 17.21
CA ALA A 166 -14.06 4.31 16.57
C ALA A 166 -13.37 5.44 15.80
N LEU A 167 -12.33 6.03 16.39
CA LEU A 167 -11.62 7.07 15.65
C LEU A 167 -10.92 6.51 14.43
N GLY A 168 -10.43 5.28 14.50
CA GLY A 168 -9.87 4.64 13.31
C GLY A 168 -10.90 4.44 12.21
N ASN A 169 -12.12 4.03 12.57
CA ASN A 169 -13.17 3.91 11.56
C ASN A 169 -13.50 5.26 10.93
N ILE A 170 -13.50 6.33 11.73
CA ILE A 170 -13.82 7.64 11.19
C ILE A 170 -12.71 8.13 10.26
N ALA A 171 -11.45 7.99 10.67
CA ALA A 171 -10.34 8.42 9.81
C ALA A 171 -10.22 7.55 8.56
N GLY A 172 -10.58 6.27 8.66
CA GLY A 172 -10.57 5.42 7.49
C GLY A 172 -11.59 5.77 6.44
N ASP A 173 -12.42 6.78 6.65
CA ASP A 173 -13.36 7.18 5.62
C ASP A 173 -12.68 7.93 4.48
N GLY A 174 -11.58 8.60 4.73
CA GLY A 174 -10.95 9.41 3.71
C GLY A 174 -10.27 10.63 4.29
N SER A 175 -9.69 11.41 3.36
CA SER A 175 -8.77 12.49 3.73
C SER A 175 -9.44 13.53 4.59
N ALA A 176 -10.69 13.86 4.28
CA ALA A 176 -11.36 14.95 5.00
C ALA A 176 -11.61 14.56 6.45
N PHE A 177 -12.16 13.37 6.71
CA PHE A 177 -12.41 12.98 8.09
C PHE A 177 -11.12 12.65 8.83
N ARG A 178 -10.12 12.12 8.14
CA ARG A 178 -8.78 11.96 8.70
C ARG A 178 -8.24 13.29 9.23
N ASP A 179 -8.27 14.31 8.38
CA ASP A 179 -7.76 15.62 8.77
C ASP A 179 -8.62 16.24 9.85
N LEU A 180 -9.93 16.00 9.85
CA LEU A 180 -10.78 16.51 10.93
C LEU A 180 -10.45 15.86 12.26
N VAL A 181 -10.23 14.54 12.26
CA VAL A 181 -9.81 13.86 13.48
C VAL A 181 -8.50 14.46 13.99
N ILE A 182 -7.57 14.75 13.09
CA ILE A 182 -6.29 15.33 13.52
C ILE A 182 -6.50 16.74 14.07
N LYS A 183 -7.34 17.55 13.44
CA LYS A 183 -7.56 18.91 13.92
C LYS A 183 -8.18 18.94 15.32
N HIS A 184 -9.06 17.98 15.63
CA HIS A 184 -9.61 17.94 16.98
C HIS A 184 -8.57 17.47 18.02
N GLY A 185 -7.38 17.06 17.62
CA GLY A 185 -6.34 16.77 18.58
C GLY A 185 -6.13 15.32 18.97
N ALA A 186 -6.40 14.37 18.06
CA ALA A 186 -6.37 12.97 18.46
C ALA A 186 -4.95 12.42 18.62
N ILE A 187 -3.98 13.00 17.92
CA ILE A 187 -2.68 12.33 17.78
C ILE A 187 -1.95 12.30 19.12
N ASP A 188 -1.94 13.41 19.82
CA ASP A 188 -1.35 13.56 21.15
C ASP A 188 -1.80 12.46 22.10
N PRO A 189 -3.11 12.33 22.36
CA PRO A 189 -3.53 11.26 23.28
C PRO A 189 -3.31 9.85 22.72
N LEU A 190 -3.50 9.65 21.42
CA LEU A 190 -3.19 8.34 20.85
C LEU A 190 -1.74 7.96 21.12
N LEU A 191 -0.81 8.87 20.83
CA LEU A 191 0.60 8.56 21.03
C LEU A 191 0.94 8.41 22.49
N ALA A 192 0.25 9.14 23.37
CA ALA A 192 0.48 8.97 24.81
C ALA A 192 0.09 7.57 25.27
N LEU A 193 -0.90 6.95 24.61
CA LEU A 193 -1.25 5.58 25.01
C LEU A 193 -0.08 4.61 24.77
N LEU A 194 0.79 4.91 23.82
CA LEU A 194 1.90 4.05 23.48
C LEU A 194 3.21 4.46 24.12
N ALA A 195 3.21 5.51 24.96
CA ALA A 195 4.45 6.03 25.53
C ALA A 195 4.81 5.22 26.76
N VAL A 196 5.36 4.03 26.50
CA VAL A 196 5.81 3.14 27.58
C VAL A 196 7.21 2.64 27.24
N PRO A 197 7.97 2.24 28.26
CA PRO A 197 9.35 1.80 28.00
C PRO A 197 9.44 0.60 27.06
N ASP A 198 8.56 -0.39 27.21
CA ASP A 198 8.58 -1.58 26.38
C ASP A 198 7.15 -1.90 25.97
N LEU A 199 6.91 -1.88 24.66
CA LEU A 199 5.57 -2.14 24.14
C LEU A 199 5.03 -3.48 24.63
N SER A 200 5.90 -4.42 24.98
CA SER A 200 5.45 -5.77 25.29
C SER A 200 4.62 -5.86 26.56
N THR A 201 4.58 -4.80 27.38
CA THR A 201 3.71 -4.80 28.55
C THR A 201 2.27 -4.41 28.21
N LEU A 202 2.02 -3.89 27.02
CA LEU A 202 0.66 -3.60 26.62
C LEU A 202 -0.04 -4.87 26.17
N ALA A 203 -1.36 -4.90 26.36
CA ALA A 203 -2.16 -6.02 25.88
C ALA A 203 -2.18 -6.05 24.36
N CYS A 204 -2.19 -7.27 23.82
CA CYS A 204 -1.95 -7.50 22.39
C CYS A 204 -3.07 -6.90 21.53
N GLY A 205 -4.32 -7.18 21.87
CA GLY A 205 -5.42 -6.59 21.12
C GLY A 205 -5.40 -5.08 21.15
N TYR A 206 -5.12 -4.51 22.33
CA TYR A 206 -5.02 -3.06 22.49
C TYR A 206 -3.96 -2.47 21.57
N LEU A 207 -2.77 -3.09 21.52
CA LEU A 207 -1.70 -2.57 20.69
C LEU A 207 -2.00 -2.72 19.21
N ARG A 208 -2.63 -3.84 18.82
CA ARG A 208 -3.01 -4.02 17.42
C ARG A 208 -4.02 -2.98 16.98
N ASN A 209 -4.98 -2.65 17.86
CA ASN A 209 -5.97 -1.63 17.51
C ASN A 209 -5.33 -0.26 17.40
N LEU A 210 -4.49 0.11 18.37
CA LEU A 210 -3.78 1.38 18.27
C LEU A 210 -3.01 1.47 16.96
N THR A 211 -2.28 0.40 16.60
CA THR A 211 -1.50 0.42 15.37
C THR A 211 -2.38 0.62 14.14
N TRP A 212 -3.48 -0.13 14.05
CA TRP A 212 -4.37 0.01 12.90
C TRP A 212 -4.91 1.44 12.79
N THR A 213 -5.25 2.05 13.93
CA THR A 213 -5.79 3.41 13.89
C THR A 213 -4.72 4.40 13.43
N LEU A 214 -3.48 4.25 13.93
CA LEU A 214 -2.40 5.09 13.42
C LEU A 214 -2.20 4.90 11.92
N SER A 215 -2.23 3.66 11.45
CA SER A 215 -2.01 3.42 10.02
C SER A 215 -3.07 4.16 9.20
N ASN A 216 -4.33 4.18 9.68
CA ASN A 216 -5.37 4.95 8.98
C ASN A 216 -5.15 6.45 9.07
N LEU A 217 -4.52 6.94 10.14
CA LEU A 217 -4.16 8.36 10.14
C LEU A 217 -3.05 8.67 9.14
N CYS A 218 -2.27 7.68 8.70
CA CYS A 218 -1.23 7.92 7.71
C CYS A 218 -1.69 7.69 6.27
N ARG A 219 -2.93 7.27 6.09
CA ARG A 219 -3.44 6.74 4.83
C ARG A 219 -4.16 7.81 4.02
N ASN A 220 -4.25 7.54 2.72
CA ASN A 220 -4.97 8.33 1.71
C ASN A 220 -4.20 9.55 1.21
N LYS A 221 -4.66 10.11 0.10
CA LYS A 221 -3.99 11.22 -0.56
C LYS A 221 -5.03 12.19 -1.13
N ASN A 222 -4.54 13.26 -1.73
CA ASN A 222 -5.42 14.30 -2.27
C ASN A 222 -6.31 14.83 -1.15
N PRO A 223 -5.72 15.42 -0.11
CA PRO A 223 -4.27 15.51 0.13
C PRO A 223 -3.70 14.37 0.97
N ALA A 224 -2.37 14.29 1.03
CA ALA A 224 -1.69 13.45 1.98
C ALA A 224 -1.81 14.07 3.37
N PRO A 225 -1.50 13.31 4.42
CA PRO A 225 -1.68 13.83 5.78
C PRO A 225 -0.79 15.04 6.02
N PRO A 226 -1.17 15.90 6.94
CA PRO A 226 -0.36 17.11 7.19
C PRO A 226 1.04 16.75 7.65
N LEU A 227 2.00 17.58 7.25
CA LEU A 227 3.39 17.18 7.36
C LEU A 227 3.79 17.17 8.84
N ASP A 228 3.22 18.11 9.61
CA ASP A 228 3.48 18.20 11.05
C ASP A 228 2.99 16.97 11.78
N ALA A 229 1.84 16.43 11.36
CA ALA A 229 1.32 15.23 11.99
C ALA A 229 2.16 14.01 11.63
N VAL A 230 2.65 13.95 10.39
CA VAL A 230 3.51 12.83 10.02
C VAL A 230 4.76 12.83 10.87
N GLU A 231 5.36 14.01 11.09
CA GLU A 231 6.56 14.07 11.93
C GLU A 231 6.23 13.72 13.38
N GLN A 232 5.03 14.07 13.83
CA GLN A 232 4.61 13.65 15.17
C GLN A 232 4.51 12.14 15.29
N ILE A 233 4.05 11.47 14.24
CA ILE A 233 3.72 10.05 14.32
C ILE A 233 4.93 9.16 14.07
N LEU A 234 5.85 9.60 13.20
CA LEU A 234 6.88 8.68 12.71
C LEU A 234 7.66 7.96 13.80
N PRO A 235 8.20 8.63 14.81
CA PRO A 235 8.98 7.91 15.83
C PRO A 235 8.26 6.70 16.42
N THR A 236 7.01 6.89 16.87
CA THR A 236 6.21 5.79 17.37
C THR A 236 6.03 4.71 16.30
N LEU A 237 5.93 5.12 15.04
CA LEU A 237 5.74 4.16 13.98
C LEU A 237 6.99 3.29 13.80
N VAL A 238 8.18 3.88 13.87
CA VAL A 238 9.41 3.10 13.76
C VAL A 238 9.51 2.13 14.94
N ARG A 239 9.18 2.60 16.13
CA ARG A 239 9.14 1.71 17.29
CA ARG A 239 9.14 1.71 17.29
C ARG A 239 8.22 0.52 17.04
N LEU A 240 7.03 0.77 16.51
CA LEU A 240 6.12 -0.34 16.24
C LEU A 240 6.64 -1.25 15.13
N LEU A 241 7.41 -0.68 14.21
CA LEU A 241 8.02 -1.47 13.14
C LEU A 241 9.08 -2.41 13.68
N HIS A 242 9.59 -2.15 14.87
CA HIS A 242 10.53 -3.08 15.49
C HIS A 242 9.87 -4.01 16.51
N HIS A 243 8.55 -3.97 16.65
CA HIS A 243 7.87 -4.91 17.53
C HIS A 243 7.86 -6.32 16.93
N ASN A 244 7.52 -7.30 17.77
CA ASN A 244 7.60 -8.70 17.36
C ASN A 244 6.26 -9.34 17.02
N ASP A 245 5.16 -8.66 17.23
CA ASP A 245 3.87 -9.23 16.86
C ASP A 245 3.61 -9.07 15.36
N PRO A 246 3.23 -10.12 14.66
CA PRO A 246 3.11 -10.01 13.19
C PRO A 246 2.04 -9.04 12.72
N GLU A 247 0.92 -8.90 13.44
CA GLU A 247 -0.13 -7.98 13.00
C GLU A 247 0.27 -6.53 13.21
N VAL A 248 0.98 -6.25 14.31
CA VAL A 248 1.54 -4.92 14.50
C VAL A 248 2.54 -4.59 13.40
N LEU A 249 3.37 -5.57 13.03
CA LEU A 249 4.36 -5.34 11.99
C LEU A 249 3.70 -5.10 10.65
N ALA A 250 2.67 -5.88 10.31
CA ALA A 250 2.02 -5.71 9.02
C ALA A 250 1.38 -4.34 8.91
N ASP A 251 0.67 -3.91 9.97
CA ASP A 251 0.00 -2.61 9.88
C ASP A 251 1.00 -1.46 9.90
N SER A 252 2.12 -1.60 10.62
CA SER A 252 3.17 -0.58 10.60
C SER A 252 3.79 -0.46 9.21
N CYS A 253 4.11 -1.59 8.58
CA CYS A 253 4.61 -1.54 7.21
C CYS A 253 3.61 -0.89 6.27
N TRP A 254 2.33 -1.17 6.46
CA TRP A 254 1.32 -0.52 5.62
C TRP A 254 1.37 0.98 5.82
N ALA A 255 1.48 1.43 7.07
CA ALA A 255 1.55 2.87 7.31
C ALA A 255 2.77 3.47 6.62
N ILE A 256 3.92 2.81 6.74
CA ILE A 256 5.13 3.30 6.08
C ILE A 256 4.93 3.35 4.57
N SER A 257 4.24 2.36 4.00
CA SER A 257 4.06 2.38 2.54
C SER A 257 3.12 3.51 2.12
N TYR A 258 2.11 3.80 2.95
CA TYR A 258 1.25 4.95 2.68
C TYR A 258 2.06 6.22 2.64
N LEU A 259 2.94 6.39 3.63
CA LEU A 259 3.72 7.62 3.71
C LEU A 259 4.75 7.74 2.60
N THR A 260 5.26 6.62 2.09
CA THR A 260 6.22 6.72 1.00
C THR A 260 5.55 6.83 -0.38
N ASP A 261 4.22 6.77 -0.46
CA ASP A 261 3.53 6.98 -1.73
C ASP A 261 3.27 8.48 -1.90
N GLY A 262 4.33 9.19 -2.24
CA GLY A 262 4.25 10.63 -2.40
C GLY A 262 5.45 11.19 -3.11
N PRO A 263 5.62 12.51 -3.02
CA PRO A 263 6.80 13.16 -3.59
C PRO A 263 8.04 12.88 -2.73
N ASN A 264 9.20 13.13 -3.33
CA ASN A 264 10.45 12.70 -2.72
C ASN A 264 10.69 13.30 -1.33
N GLU A 265 9.93 14.31 -0.92
CA GLU A 265 10.13 14.92 0.41
C GLU A 265 9.50 14.08 1.52
N ARG A 266 8.34 13.48 1.24
CA ARG A 266 7.78 12.48 2.14
C ARG A 266 8.69 11.27 2.25
N ILE A 267 9.12 10.75 1.09
CA ILE A 267 10.07 9.64 1.07
C ILE A 267 11.28 9.99 1.91
N GLU A 268 11.75 11.23 1.81
CA GLU A 268 12.96 11.64 2.51
C GLU A 268 12.77 11.67 4.01
N MET A 269 11.63 12.19 4.48
CA MET A 269 11.45 12.21 5.92
C MET A 269 11.32 10.78 6.47
N VAL A 270 10.84 9.85 5.67
CA VAL A 270 10.79 8.46 6.14
C VAL A 270 12.19 7.83 6.13
N VAL A 271 12.96 8.06 5.06
CA VAL A 271 14.28 7.46 4.97
C VAL A 271 15.25 8.05 5.98
N LYS A 272 15.06 9.32 6.37
CA LYS A 272 15.93 9.94 7.37
C LYS A 272 15.79 9.29 8.73
N LYS A 273 14.71 8.55 8.97
CA LYS A 273 14.52 7.84 10.24
C LYS A 273 15.23 6.49 10.28
N GLY A 274 15.87 6.07 9.18
CA GLY A 274 16.63 4.84 9.16
C GLY A 274 15.79 3.58 9.23
N VAL A 275 14.63 3.58 8.59
CA VAL A 275 13.77 2.40 8.61
C VAL A 275 14.11 1.39 7.52
N VAL A 276 14.97 1.75 6.57
CA VAL A 276 15.18 0.90 5.39
C VAL A 276 15.82 -0.44 5.77
N PRO A 277 16.86 -0.48 6.60
CA PRO A 277 17.37 -1.79 7.03
C PRO A 277 16.28 -2.69 7.62
N GLN A 278 15.40 -2.13 8.45
CA GLN A 278 14.31 -2.91 9.03
C GLN A 278 13.29 -3.33 7.97
N LEU A 279 13.05 -2.47 6.97
CA LEU A 279 12.16 -2.87 5.88
C LEU A 279 12.74 -4.02 5.06
N VAL A 280 14.04 -4.03 4.84
CA VAL A 280 14.68 -5.13 4.10
C VAL A 280 14.55 -6.42 4.90
N LYS A 281 14.87 -6.35 6.18
CA LYS A 281 14.64 -7.47 7.09
C LYS A 281 13.21 -8.02 6.93
N LEU A 282 12.21 -7.15 6.96
CA LEU A 282 10.83 -7.61 6.85
C LEU A 282 10.51 -8.15 5.46
N LEU A 283 11.16 -7.58 4.44
CA LEU A 283 11.07 -8.11 3.08
C LEU A 283 11.48 -9.57 3.06
N GLY A 284 12.34 -9.96 3.99
CA GLY A 284 12.69 -11.38 4.08
C GLY A 284 11.72 -12.28 4.81
N ALA A 285 10.70 -11.75 5.45
CA ALA A 285 9.86 -12.57 6.31
C ALA A 285 9.12 -13.64 5.51
N THR A 286 8.54 -14.59 6.23
CA THR A 286 7.80 -15.70 5.63
C THR A 286 6.30 -15.44 5.57
N GLU A 287 5.77 -14.63 6.48
CA GLU A 287 4.36 -14.25 6.44
C GLU A 287 4.13 -13.27 5.29
N LEU A 288 3.35 -13.71 4.29
CA LEU A 288 2.92 -12.82 3.22
C LEU A 288 2.31 -11.52 3.71
N PRO A 289 1.56 -11.47 4.82
CA PRO A 289 1.02 -10.19 5.29
C PRO A 289 2.10 -9.19 5.71
N ILE A 290 3.33 -9.64 5.94
CA ILE A 290 4.42 -8.75 6.26
C ILE A 290 5.26 -8.43 5.03
N VAL A 291 5.49 -9.43 4.18
CA VAL A 291 6.27 -9.21 2.98
C VAL A 291 5.55 -8.24 2.06
N THR A 292 4.23 -8.37 1.94
CA THR A 292 3.51 -7.57 0.95
C THR A 292 3.69 -6.07 1.19
N PRO A 293 3.41 -5.54 2.39
CA PRO A 293 3.63 -4.10 2.60
C PRO A 293 5.11 -3.71 2.65
N ALA A 294 5.99 -4.59 3.13
CA ALA A 294 7.42 -4.28 3.11
C ALA A 294 7.93 -4.07 1.70
N LEU A 295 7.48 -4.92 0.77
CA LEU A 295 7.83 -4.77 -0.63
C LEU A 295 7.18 -3.52 -1.22
N ARG A 296 5.93 -3.24 -0.84
CA ARG A 296 5.31 -1.99 -1.31
C ARG A 296 6.11 -0.76 -0.89
N ALA A 297 6.52 -0.71 0.38
CA ALA A 297 7.29 0.43 0.88
C ALA A 297 8.62 0.57 0.16
N ILE A 298 9.37 -0.54 0.02
CA ILE A 298 10.64 -0.48 -0.71
C ILE A 298 10.41 0.03 -2.15
N GLY A 299 9.34 -0.44 -2.80
CA GLY A 299 9.07 0.01 -4.17
C GLY A 299 8.79 1.49 -4.22
N ASN A 300 7.97 1.97 -3.28
CA ASN A 300 7.70 3.40 -3.21
C ASN A 300 8.99 4.19 -3.05
N ILE A 301 9.85 3.76 -2.12
CA ILE A 301 11.07 4.50 -1.84
C ILE A 301 11.95 4.55 -3.08
N VAL A 302 11.95 3.48 -3.88
CA VAL A 302 12.81 3.51 -5.06
C VAL A 302 12.17 4.25 -6.23
N THR A 303 10.91 4.68 -6.10
CA THR A 303 10.42 5.66 -7.08
C THR A 303 11.00 7.06 -6.87
N GLY A 304 11.85 7.25 -5.86
CA GLY A 304 12.38 8.56 -5.58
C GLY A 304 13.70 8.86 -6.29
N THR A 305 14.59 9.55 -5.59
CA THR A 305 15.85 9.97 -6.18
C THR A 305 16.85 8.82 -6.22
N ASP A 306 17.92 9.02 -7.01
CA ASP A 306 18.99 8.03 -7.08
C ASP A 306 19.61 7.77 -5.71
N GLU A 307 19.68 8.78 -4.83
CA GLU A 307 20.30 8.57 -3.52
C GLU A 307 19.37 7.82 -2.55
N GLN A 308 18.06 8.03 -2.63
CA GLN A 308 17.12 7.22 -1.86
C GLN A 308 17.15 5.75 -2.31
N THR A 309 17.09 5.54 -3.63
CA THR A 309 17.28 4.20 -4.18
C THR A 309 18.58 3.57 -3.68
N GLN A 310 19.65 4.35 -3.61
CA GLN A 310 20.92 3.80 -3.13
C GLN A 310 20.83 3.38 -1.67
N LYS A 311 20.10 4.15 -0.84
CA LYS A 311 19.92 3.69 0.54
C LYS A 311 19.26 2.31 0.55
N VAL A 312 18.37 2.05 -0.39
CA VAL A 312 17.75 0.72 -0.42
C VAL A 312 18.75 -0.35 -0.86
N ILE A 313 19.56 -0.05 -1.87
CA ILE A 313 20.52 -1.05 -2.35
C ILE A 313 21.54 -1.38 -1.27
N ASP A 314 22.00 -0.37 -0.53
CA ASP A 314 23.03 -0.57 0.49
C ASP A 314 22.51 -1.32 1.71
N ALA A 315 21.20 -1.35 1.93
CA ALA A 315 20.68 -2.14 3.04
C ALA A 315 20.61 -3.62 2.73
N GLY A 316 20.85 -4.02 1.48
CA GLY A 316 20.85 -5.41 1.10
C GLY A 316 19.66 -5.90 0.31
N ALA A 317 18.80 -5.00 -0.16
CA ALA A 317 17.51 -5.43 -0.70
C ALA A 317 17.66 -6.37 -1.89
N LEU A 318 18.65 -6.11 -2.75
CA LEU A 318 18.77 -6.90 -3.97
C LEU A 318 18.97 -8.38 -3.68
N ALA A 319 19.64 -8.72 -2.57
CA ALA A 319 19.86 -10.12 -2.27
C ALA A 319 18.56 -10.88 -2.07
N VAL A 320 17.47 -10.17 -1.79
CA VAL A 320 16.19 -10.82 -1.57
C VAL A 320 15.44 -11.11 -2.87
N PHE A 321 15.82 -10.48 -3.95
CA PHE A 321 14.94 -10.52 -5.11
C PHE A 321 14.91 -11.83 -5.90
N PRO A 322 15.94 -12.69 -5.83
CA PRO A 322 15.77 -14.03 -6.42
C PRO A 322 14.54 -14.75 -5.90
N SER A 323 14.25 -14.67 -4.59
CA SER A 323 13.01 -15.23 -4.05
C SER A 323 11.80 -14.46 -4.54
N LEU A 324 11.85 -13.13 -4.43
CA LEU A 324 10.69 -12.31 -4.77
C LEU A 324 10.31 -12.46 -6.24
N LEU A 325 11.30 -12.52 -7.13
CA LEU A 325 11.01 -12.66 -8.56
C LEU A 325 10.57 -14.07 -8.93
N THR A 326 10.69 -15.04 -8.01
CA THR A 326 10.16 -16.38 -8.25
C THR A 326 9.06 -16.72 -7.25
N ASN A 327 8.46 -15.71 -6.64
CA ASN A 327 7.51 -15.95 -5.58
C ASN A 327 6.24 -16.57 -6.15
N PRO A 328 5.67 -17.57 -5.47
CA PRO A 328 4.44 -18.19 -5.98
C PRO A 328 3.24 -17.26 -5.99
N LYS A 329 3.23 -16.20 -5.17
CA LYS A 329 2.14 -15.22 -5.21
C LYS A 329 2.37 -14.25 -6.36
N THR A 330 1.41 -14.17 -7.27
CA THR A 330 1.55 -13.32 -8.45
C THR A 330 1.80 -11.88 -8.06
N ASN A 331 1.14 -11.40 -7.01
CA ASN A 331 1.27 -10.00 -6.64
C ASN A 331 2.69 -9.69 -6.19
N ILE A 332 3.30 -10.58 -5.41
CA ILE A 332 4.70 -10.38 -5.02
C ILE A 332 5.58 -10.28 -6.25
N GLN A 333 5.39 -11.19 -7.21
CA GLN A 333 6.22 -11.19 -8.41
C GLN A 333 6.08 -9.89 -9.16
N LYS A 334 4.84 -9.45 -9.36
CA LYS A 334 4.56 -8.22 -10.08
C LYS A 334 5.17 -7.00 -9.38
N GLU A 335 5.01 -6.93 -8.06
CA GLU A 335 5.53 -5.78 -7.31
C GLU A 335 7.05 -5.77 -7.29
N ALA A 336 7.66 -6.95 -7.17
CA ALA A 336 9.11 -7.05 -7.21
C ALA A 336 9.66 -6.66 -8.58
N THR A 337 8.93 -7.02 -9.65
CA THR A 337 9.41 -6.64 -10.98
C THR A 337 9.25 -5.14 -11.21
N TRP A 338 8.14 -4.56 -10.75
CA TRP A 338 7.97 -3.11 -10.81
C TRP A 338 9.10 -2.40 -10.07
N THR A 339 9.47 -2.90 -8.89
CA THR A 339 10.61 -2.36 -8.15
C THR A 339 11.90 -2.48 -8.97
N MET A 340 12.16 -3.66 -9.55
CA MET A 340 13.35 -3.84 -10.38
C MET A 340 13.40 -2.82 -11.49
N SER A 341 12.25 -2.59 -12.15
CA SER A 341 12.17 -1.63 -13.26
C SER A 341 12.49 -0.21 -12.80
N ASN A 342 12.09 0.15 -11.59
CA ASN A 342 12.51 1.47 -11.12
C ASN A 342 13.96 1.49 -10.68
N ILE A 343 14.57 0.33 -10.43
CA ILE A 343 15.99 0.37 -10.12
C ILE A 343 16.82 0.42 -11.39
N THR A 344 16.41 -0.28 -12.44
CA THR A 344 17.14 -0.21 -13.70
C THR A 344 16.96 1.13 -14.39
N ALA A 345 16.08 1.98 -13.88
CA ALA A 345 15.95 3.37 -14.33
C ALA A 345 16.92 4.31 -13.60
N GLY A 346 17.79 3.78 -12.75
CA GLY A 346 18.74 4.58 -12.02
C GLY A 346 20.06 4.74 -12.75
N ARG A 347 21.11 4.94 -11.96
CA ARG A 347 22.45 5.19 -12.50
C ARG A 347 23.10 3.89 -12.98
N GLN A 348 24.25 4.06 -13.63
CA GLN A 348 24.94 2.90 -14.20
C GLN A 348 25.57 2.01 -13.14
N ASP A 349 26.04 2.57 -12.02
CA ASP A 349 26.56 1.74 -10.95
C ASP A 349 25.43 0.98 -10.24
N GLN A 350 24.22 1.51 -10.29
CA GLN A 350 23.07 0.80 -9.74
C GLN A 350 22.65 -0.34 -10.66
N ILE A 351 22.59 -0.08 -11.96
CA ILE A 351 22.40 -1.17 -12.91
C ILE A 351 23.48 -2.24 -12.72
N GLN A 352 24.71 -1.81 -12.45
CA GLN A 352 25.78 -2.78 -12.27
C GLN A 352 25.58 -3.60 -11.01
N GLN A 353 25.01 -2.99 -9.96
CA GLN A 353 24.64 -3.77 -8.78
C GLN A 353 23.58 -4.82 -9.11
N VAL A 354 22.60 -4.44 -9.94
CA VAL A 354 21.62 -5.42 -10.40
C VAL A 354 22.32 -6.58 -11.10
N VAL A 355 23.28 -6.27 -11.96
CA VAL A 355 24.01 -7.32 -12.68
C VAL A 355 24.78 -8.20 -11.71
N ASN A 356 25.49 -7.58 -10.77
CA ASN A 356 26.37 -8.33 -9.88
C ASN A 356 25.60 -9.28 -8.98
N HIS A 357 24.39 -8.90 -8.58
CA HIS A 357 23.56 -9.78 -7.76
C HIS A 357 22.92 -10.89 -8.58
N GLY A 358 23.12 -10.89 -9.90
CA GLY A 358 22.67 -12.00 -10.71
C GLY A 358 21.20 -11.95 -11.05
N LEU A 359 20.63 -10.76 -11.17
CA LEU A 359 19.20 -10.61 -11.34
C LEU A 359 18.75 -10.53 -12.79
N VAL A 360 19.67 -10.41 -13.74
CA VAL A 360 19.26 -10.35 -15.14
C VAL A 360 18.65 -11.69 -15.56
N PRO A 361 19.26 -12.84 -15.24
CA PRO A 361 18.59 -14.10 -15.60
C PRO A 361 17.21 -14.24 -14.99
N PHE A 362 16.98 -13.67 -13.79
CA PHE A 362 15.65 -13.69 -13.22
C PHE A 362 14.68 -12.81 -14.00
N LEU A 363 15.16 -11.69 -14.55
CA LEU A 363 14.31 -10.88 -15.41
C LEU A 363 13.98 -11.60 -16.71
N VAL A 364 14.98 -12.23 -17.32
CA VAL A 364 14.73 -13.07 -18.49
C VAL A 364 13.68 -14.12 -18.15
N GLY A 365 13.73 -14.66 -16.93
CA GLY A 365 12.77 -15.68 -16.53
C GLY A 365 11.35 -15.14 -16.43
N VAL A 366 11.16 -14.05 -15.69
CA VAL A 366 9.81 -13.50 -15.56
C VAL A 366 9.30 -13.08 -16.93
N LEU A 367 10.19 -12.61 -17.82
CA LEU A 367 9.77 -12.20 -19.16
C LEU A 367 9.38 -13.39 -20.00
N SER A 368 9.98 -14.56 -19.73
CA SER A 368 9.67 -15.77 -20.49
C SER A 368 8.35 -16.40 -20.06
N LYS A 369 8.10 -16.48 -18.76
CA LYS A 369 6.92 -17.16 -18.25
C LYS A 369 6.48 -16.45 -16.98
N ALA A 370 5.30 -15.86 -17.03
CA ALA A 370 4.73 -15.16 -15.89
C ALA A 370 3.35 -14.67 -16.29
N ASP A 371 2.59 -14.25 -15.28
CA ASP A 371 1.36 -13.51 -15.53
C ASP A 371 1.68 -12.29 -16.39
N PHE A 372 0.77 -11.96 -17.30
CA PHE A 372 1.08 -10.95 -18.31
C PHE A 372 1.39 -9.58 -17.70
N LYS A 373 0.74 -9.24 -16.59
CA LYS A 373 1.05 -7.97 -15.93
C LYS A 373 2.49 -7.93 -15.43
N THR A 374 2.95 -9.04 -14.84
CA THR A 374 4.34 -9.15 -14.43
C THR A 374 5.27 -9.01 -15.62
N GLN A 375 4.87 -9.57 -16.77
CA GLN A 375 5.67 -9.50 -17.98
C GLN A 375 5.76 -8.07 -18.50
N LYS A 376 4.67 -7.31 -18.38
CA LYS A 376 4.70 -5.91 -18.79
C LYS A 376 5.65 -5.11 -17.92
N GLU A 377 5.65 -5.38 -16.61
CA GLU A 377 6.62 -4.72 -15.74
C GLU A 377 8.05 -5.14 -16.10
N ALA A 378 8.24 -6.40 -16.50
CA ALA A 378 9.58 -6.85 -16.87
C ALA A 378 10.04 -6.17 -18.15
N ALA A 379 9.11 -5.96 -19.09
CA ALA A 379 9.46 -5.21 -20.29
C ALA A 379 9.91 -3.79 -19.93
N TRP A 380 9.18 -3.15 -19.02
CA TRP A 380 9.61 -1.82 -18.56
C TRP A 380 11.00 -1.86 -17.95
N ALA A 381 11.28 -2.87 -17.12
CA ALA A 381 12.61 -2.98 -16.54
C ALA A 381 13.68 -3.12 -17.62
N ILE A 382 13.39 -3.92 -18.65
CA ILE A 382 14.36 -4.09 -19.74
C ILE A 382 14.56 -2.77 -20.49
N THR A 383 13.48 -2.05 -20.76
CA THR A 383 13.63 -0.79 -21.49
C THR A 383 14.40 0.24 -20.69
N ASN A 384 14.16 0.33 -19.38
CA ASN A 384 14.93 1.28 -18.57
C ASN A 384 16.41 0.86 -18.52
N TYR A 385 16.66 -0.44 -18.48
CA TYR A 385 18.03 -0.96 -18.52
C TYR A 385 18.72 -0.58 -19.83
N THR A 386 18.08 -0.83 -20.96
CA THR A 386 18.73 -0.53 -22.23
C THR A 386 18.81 0.96 -22.50
N SER A 387 17.95 1.76 -21.85
CA SER A 387 18.07 3.22 -21.98
C SER A 387 19.27 3.73 -21.21
N GLY A 388 19.41 3.32 -19.95
CA GLY A 388 20.44 3.91 -19.11
C GLY A 388 21.77 3.19 -19.07
N GLY A 389 21.87 2.00 -19.69
CA GLY A 389 23.02 1.17 -19.47
C GLY A 389 24.18 1.40 -20.43
N THR A 390 25.36 0.99 -19.99
CA THR A 390 26.54 0.98 -20.84
C THR A 390 26.42 -0.09 -21.92
N VAL A 391 27.37 -0.08 -22.84
CA VAL A 391 27.37 -1.05 -23.92
C VAL A 391 27.68 -2.44 -23.38
N GLU A 392 28.70 -2.57 -22.52
CA GLU A 392 28.99 -3.85 -21.91
C GLU A 392 27.73 -4.42 -21.23
N GLN A 393 26.98 -3.56 -20.54
CA GLN A 393 25.78 -4.01 -19.84
C GLN A 393 24.70 -4.50 -20.79
N ILE A 394 24.50 -3.80 -21.91
CA ILE A 394 23.47 -4.22 -22.86
C ILE A 394 23.90 -5.50 -23.58
N VAL A 395 25.19 -5.59 -23.92
CA VAL A 395 25.72 -6.84 -24.45
C VAL A 395 25.40 -7.98 -23.50
N TYR A 396 25.70 -7.79 -22.21
CA TYR A 396 25.43 -8.81 -21.20
C TYR A 396 23.96 -9.20 -21.21
N LEU A 397 23.08 -8.20 -21.26
CA LEU A 397 21.66 -8.47 -21.33
C LEU A 397 21.36 -9.46 -22.45
N VAL A 398 21.94 -9.21 -23.63
CA VAL A 398 21.66 -10.08 -24.78
C VAL A 398 22.25 -11.46 -24.57
N HIS A 399 23.46 -11.56 -24.02
CA HIS A 399 24.06 -12.87 -23.78
C HIS A 399 23.26 -13.68 -22.76
N CYS A 400 22.41 -13.06 -21.94
CA CYS A 400 21.58 -13.82 -21.02
C CYS A 400 20.30 -14.36 -21.65
N GLY A 401 19.95 -13.94 -22.86
CA GLY A 401 18.81 -14.53 -23.53
C GLY A 401 17.60 -13.64 -23.69
N ILE A 402 17.79 -12.31 -23.68
CA ILE A 402 16.62 -11.44 -23.60
C ILE A 402 15.82 -11.45 -24.90
N ILE A 403 16.48 -11.72 -26.02
CA ILE A 403 15.90 -11.39 -27.31
C ILE A 403 14.69 -12.26 -27.62
N GLU A 404 14.82 -13.57 -27.42
CA GLU A 404 13.72 -14.46 -27.78
C GLU A 404 12.45 -14.19 -26.97
N PRO A 405 12.47 -14.14 -25.64
CA PRO A 405 11.23 -13.82 -24.91
C PRO A 405 10.72 -12.40 -25.21
N LEU A 406 11.63 -11.44 -25.41
CA LEU A 406 11.21 -10.11 -25.84
C LEU A 406 10.42 -10.19 -27.15
N MET A 407 10.89 -11.00 -28.10
CA MET A 407 10.19 -11.13 -29.37
C MET A 407 8.86 -11.83 -29.20
N ASN A 408 8.83 -12.91 -28.41
CA ASN A 408 7.58 -13.61 -28.17
C ASN A 408 6.51 -12.67 -27.64
N LEU A 409 6.93 -11.66 -26.89
CA LEU A 409 5.94 -10.73 -26.35
C LEU A 409 5.37 -9.77 -27.40
N LEU A 410 5.96 -9.68 -28.58
CA LEU A 410 5.41 -8.76 -29.58
C LEU A 410 4.12 -9.26 -30.19
N SER A 411 3.72 -10.50 -29.90
CA SER A 411 2.42 -11.01 -30.34
C SER A 411 1.27 -10.56 -29.45
N ALA A 412 1.55 -9.74 -28.45
CA ALA A 412 0.52 -9.30 -27.51
C ALA A 412 -0.27 -8.14 -28.10
N LYS A 413 -1.46 -7.92 -27.53
CA LYS A 413 -2.39 -6.93 -28.05
C LYS A 413 -2.25 -5.57 -27.36
N ASP A 414 -1.86 -5.54 -26.09
CA ASP A 414 -1.56 -4.28 -25.42
C ASP A 414 -0.61 -3.47 -26.30
N THR A 415 -0.98 -2.22 -26.56
CA THR A 415 -0.19 -1.41 -27.49
C THR A 415 1.03 -0.79 -26.80
N LYS A 416 0.90 -0.40 -25.53
CA LYS A 416 2.02 0.25 -24.87
C LYS A 416 3.14 -0.75 -24.59
N ILE A 417 2.81 -2.00 -24.26
CA ILE A 417 3.87 -2.99 -24.09
C ILE A 417 4.63 -3.15 -25.40
N ILE A 418 3.92 -3.19 -26.54
CA ILE A 418 4.58 -3.33 -27.84
C ILE A 418 5.50 -2.14 -28.10
N GLN A 419 5.00 -0.94 -27.83
CA GLN A 419 5.79 0.27 -27.98
C GLN A 419 7.07 0.20 -27.15
N VAL A 420 6.94 -0.27 -25.91
CA VAL A 420 8.07 -0.37 -24.98
C VAL A 420 9.09 -1.39 -25.49
N ILE A 421 8.60 -2.52 -26.00
CA ILE A 421 9.51 -3.52 -26.55
C ILE A 421 10.28 -2.94 -27.73
N LEU A 422 9.58 -2.18 -28.60
CA LEU A 422 10.26 -1.60 -29.75
C LEU A 422 11.30 -0.58 -29.33
N ASP A 423 11.01 0.20 -28.28
CA ASP A 423 12.01 1.11 -27.76
C ASP A 423 13.24 0.35 -27.27
N ALA A 424 13.02 -0.79 -26.58
CA ALA A 424 14.14 -1.58 -26.09
C ALA A 424 14.96 -2.17 -27.23
N ILE A 425 14.28 -2.63 -28.29
CA ILE A 425 14.98 -3.16 -29.45
C ILE A 425 15.84 -2.09 -30.09
N SER A 426 15.27 -0.90 -30.29
CA SER A 426 16.05 0.23 -30.79
C SER A 426 17.30 0.44 -29.95
N ASN A 427 17.15 0.51 -28.62
CA ASN A 427 18.29 0.78 -27.76
C ASN A 427 19.36 -0.30 -27.93
N ILE A 428 18.93 -1.56 -28.07
CA ILE A 428 19.90 -2.64 -28.23
C ILE A 428 20.63 -2.52 -29.57
N PHE A 429 19.90 -2.27 -30.68
CA PHE A 429 20.55 -2.14 -31.97
C PHE A 429 21.56 -1.02 -31.91
N GLN A 430 21.18 0.04 -31.22
CA GLN A 430 21.98 1.24 -31.16
C GLN A 430 23.22 1.00 -30.30
N ALA A 431 23.16 0.13 -29.28
CA ALA A 431 24.41 -0.44 -28.68
C ALA A 431 25.22 -1.28 -29.67
N ALA A 432 24.55 -2.01 -30.58
CA ALA A 432 25.27 -2.85 -31.53
C ALA A 432 26.01 -2.01 -32.57
N GLU A 433 25.37 -0.97 -33.09
CA GLU A 433 26.02 -0.10 -34.08
C GLU A 433 27.28 0.52 -33.50
N LYS A 434 27.31 0.76 -32.19
CA LYS A 434 28.53 1.20 -31.54
C LYS A 434 29.62 0.14 -31.57
N LEU A 435 29.27 -1.11 -31.86
CA LEU A 435 30.23 -2.21 -31.90
C LEU A 435 30.33 -2.87 -33.28
N GLY A 436 29.49 -2.49 -34.24
CA GLY A 436 29.50 -3.09 -35.55
C GLY A 436 28.96 -4.49 -35.63
N GLU A 437 28.45 -5.05 -34.53
CA GLU A 437 27.85 -6.38 -34.54
C GLU A 437 26.37 -6.34 -34.91
N THR A 438 25.90 -5.22 -35.47
CA THR A 438 24.48 -5.06 -35.79
C THR A 438 23.98 -6.18 -36.69
N GLU A 439 24.83 -6.71 -37.58
CA GLU A 439 24.39 -7.80 -38.44
C GLU A 439 24.10 -9.05 -37.63
N LYS A 440 24.99 -9.38 -36.68
CA LYS A 440 24.76 -10.55 -35.83
C LYS A 440 23.41 -10.46 -35.12
N LEU A 441 23.07 -9.27 -34.61
CA LEU A 441 21.81 -9.10 -33.91
C LEU A 441 20.61 -9.18 -34.87
N SER A 442 20.72 -8.53 -36.04
CA SER A 442 19.65 -8.64 -37.03
C SER A 442 19.35 -10.11 -37.31
N ILE A 443 20.40 -10.91 -37.53
CA ILE A 443 20.25 -12.34 -37.78
C ILE A 443 19.55 -13.02 -36.61
N MET A 444 20.01 -12.72 -35.40
CA MET A 444 19.45 -13.34 -34.20
C MET A 444 17.96 -13.08 -34.11
N ILE A 445 17.53 -11.85 -34.42
CA ILE A 445 16.11 -11.54 -34.35
C ILE A 445 15.36 -12.23 -35.48
N GLU A 446 15.96 -12.28 -36.68
CA GLU A 446 15.30 -12.99 -37.78
C GLU A 446 15.11 -14.46 -37.46
N GLU A 447 16.05 -15.05 -36.72
CA GLU A 447 16.09 -16.49 -36.53
C GLU A 447 15.07 -17.01 -35.52
N CYS A 448 14.60 -16.19 -34.59
CA CYS A 448 13.59 -16.61 -33.64
C CYS A 448 12.19 -16.17 -34.04
N GLY A 449 12.03 -15.62 -35.23
CA GLY A 449 10.73 -15.17 -35.70
C GLY A 449 10.36 -13.77 -35.33
N GLY A 450 11.29 -13.00 -34.75
CA GLY A 450 10.96 -11.64 -34.35
C GLY A 450 10.68 -10.75 -35.55
N LEU A 451 11.50 -10.84 -36.59
CA LEU A 451 11.35 -9.93 -37.72
C LEU A 451 10.00 -10.11 -38.41
N ASP A 452 9.47 -11.33 -38.40
CA ASP A 452 8.10 -11.54 -38.88
C ASP A 452 7.12 -10.66 -38.10
N LYS A 453 7.21 -10.69 -36.77
CA LYS A 453 6.29 -9.91 -35.96
C LYS A 453 6.49 -8.40 -36.16
N ILE A 454 7.74 -7.97 -36.33
CA ILE A 454 7.98 -6.54 -36.58
C ILE A 454 7.35 -6.12 -37.90
N GLU A 455 7.57 -6.91 -38.96
CA GLU A 455 6.96 -6.60 -40.24
C GLU A 455 5.44 -6.50 -40.10
N ALA A 456 4.82 -7.49 -39.45
CA ALA A 456 3.38 -7.42 -39.24
C ALA A 456 3.00 -6.13 -38.50
N LEU A 457 3.84 -5.71 -37.55
CA LEU A 457 3.54 -4.51 -36.78
C LEU A 457 3.67 -3.24 -37.60
N GLN A 458 4.41 -3.28 -38.72
CA GLN A 458 4.46 -2.11 -39.60
C GLN A 458 3.05 -1.58 -39.91
N ARG A 459 2.08 -2.47 -39.99
CA ARG A 459 0.70 -2.12 -40.34
C ARG A 459 -0.18 -2.23 -39.10
N HIS A 460 0.02 -1.30 -38.17
CA HIS A 460 -0.68 -1.32 -36.89
C HIS A 460 -1.52 -0.06 -36.73
N GLU A 461 -2.58 -0.18 -35.93
CA GLU A 461 -3.51 0.93 -35.72
C GLU A 461 -2.80 2.12 -35.10
N ASN A 462 -1.83 1.88 -34.21
CA ASN A 462 -1.10 2.97 -33.57
C ASN A 462 -0.10 3.57 -34.55
N GLU A 463 0.04 4.89 -34.49
CA GLU A 463 0.93 5.60 -35.40
C GLU A 463 2.39 5.33 -35.06
N SER A 464 2.80 5.65 -33.82
CA SER A 464 4.20 5.49 -33.43
C SER A 464 4.64 4.02 -33.51
N VAL A 465 3.71 3.08 -33.32
CA VAL A 465 4.04 1.67 -33.48
C VAL A 465 4.47 1.38 -34.91
N TYR A 466 3.63 1.76 -35.88
CA TYR A 466 3.98 1.56 -37.29
C TYR A 466 5.25 2.31 -37.65
N LYS A 467 5.40 3.53 -37.13
CA LYS A 467 6.59 4.33 -37.43
C LYS A 467 7.86 3.64 -36.96
N ALA A 468 7.88 3.21 -35.69
CA ALA A 468 9.05 2.53 -35.15
C ALA A 468 9.30 1.21 -35.87
N SER A 469 8.24 0.46 -36.17
CA SER A 469 8.42 -0.82 -36.84
C SER A 469 9.05 -0.64 -38.22
N LEU A 470 8.47 0.24 -39.03
CA LEU A 470 9.02 0.47 -40.37
C LEU A 470 10.43 1.00 -40.29
N ASN A 471 10.69 1.94 -39.37
CA ASN A 471 12.05 2.42 -39.17
C ASN A 471 13.00 1.25 -38.92
N LEU A 472 12.63 0.36 -37.99
CA LEU A 472 13.51 -0.75 -37.65
C LEU A 472 13.81 -1.61 -38.87
N ILE A 473 12.77 -1.98 -39.62
CA ILE A 473 12.99 -2.86 -40.77
C ILE A 473 13.81 -2.15 -41.84
N GLU A 474 13.42 -0.93 -42.21
CA GLU A 474 14.12 -0.24 -43.28
C GLU A 474 15.49 0.26 -42.87
N LYS A 475 15.87 0.13 -41.59
CA LYS A 475 17.16 0.62 -41.13
C LYS A 475 18.12 -0.47 -40.69
N TYR A 476 17.64 -1.66 -40.33
CA TYR A 476 18.55 -2.74 -39.94
C TYR A 476 18.34 -4.03 -40.70
N PHE A 477 17.33 -4.11 -41.57
CA PHE A 477 17.04 -5.32 -42.35
C PHE A 477 16.84 -4.93 -43.82
N SER A 478 17.94 -4.65 -44.51
CA SER A 478 17.88 -4.27 -45.92
C SER A 478 19.20 -4.54 -46.66
N PRO B 28 15.76 7.39 -22.91
CA PRO B 28 15.01 8.23 -21.98
C PRO B 28 14.32 7.42 -20.87
N SER B 29 15.08 7.00 -19.86
CA SER B 29 14.54 6.16 -18.79
C SER B 29 13.86 7.02 -17.73
N VAL B 30 12.78 6.50 -17.15
CA VAL B 30 11.97 7.26 -16.20
C VAL B 30 11.44 6.35 -15.10
N LYS B 31 11.47 6.85 -13.86
CA LYS B 31 10.85 6.17 -12.74
C LYS B 31 9.34 6.41 -12.77
N ARG B 32 8.58 5.33 -12.59
CA ARG B 32 7.14 5.33 -12.83
C ARG B 32 6.42 4.88 -11.57
N PRO B 33 5.68 5.77 -10.92
CA PRO B 33 5.01 5.41 -9.67
C PRO B 33 3.93 4.35 -9.88
N HIS B 34 3.40 3.88 -8.74
CA HIS B 34 2.60 2.67 -8.72
C HIS B 34 1.34 2.81 -9.57
N ALA B 35 1.06 1.78 -10.37
CA ALA B 35 -0.09 1.80 -11.27
C ALA B 35 -1.39 1.99 -10.49
N SER B 36 -1.70 1.06 -9.60
CA SER B 36 -2.97 1.06 -8.85
C SER B 36 -2.71 0.77 -7.39
N PRO B 37 -2.36 1.79 -6.58
CA PRO B 37 -2.02 1.51 -5.18
C PRO B 37 -3.20 1.05 -4.33
N ASP B 38 -4.37 1.67 -4.47
CA ASP B 38 -5.53 1.27 -3.69
C ASP B 38 -6.53 0.51 -4.57
N ASP B 48 -5.34 -7.22 0.01
CA ASP B 48 -4.37 -7.60 1.05
C ASP B 48 -4.11 -6.43 2.01
N GLN B 49 -4.53 -5.23 1.61
CA GLN B 49 -4.39 -4.06 2.46
C GLN B 49 -5.28 -4.17 3.70
N PRO B 50 -4.90 -3.50 4.79
CA PRO B 50 -5.79 -3.49 5.96
C PRO B 50 -7.15 -2.92 5.60
N ALA B 51 -8.16 -3.34 6.34
CA ALA B 51 -9.49 -2.78 6.15
C ALA B 51 -9.45 -1.28 6.43
N ARG B 52 -10.10 -0.50 5.57
CA ARG B 52 -10.33 0.91 5.89
C ARG B 52 -11.20 1.05 7.13
N LYS B 53 -12.22 0.19 7.28
CA LYS B 53 -13.18 0.24 8.38
C LYS B 53 -13.40 -1.15 8.92
N ARG B 54 -13.73 -1.24 10.22
CA ARG B 54 -13.84 -2.53 10.89
C ARG B 54 -15.04 -2.53 11.82
N LEU B 55 -15.91 -3.53 11.64
CA LEU B 55 -17.01 -3.77 12.56
C LEU B 55 -16.49 -4.55 13.77
N ASP B 56 -16.93 -4.16 14.95
CA ASP B 56 -16.55 -4.81 16.20
C ASP B 56 -17.61 -5.85 16.56
N PHE B 57 -17.29 -7.13 16.36
CA PHE B 57 -18.23 -8.21 16.61
C PHE B 57 -18.15 -8.80 18.01
N GLY B 58 -17.12 -8.46 18.79
CA GLY B 58 -16.94 -9.04 20.11
C GLY B 58 -15.48 -9.19 20.50
#